data_2DTJ
#
_entry.id   2DTJ
#
_cell.length_a   79.989
_cell.length_b   59.010
_cell.length_c   75.782
_cell.angle_alpha   90.00
_cell.angle_beta   116.25
_cell.angle_gamma   90.00
#
_symmetry.space_group_name_H-M   'C 1 2 1'
#
loop_
_entity.id
_entity.type
_entity.pdbx_description
1 polymer Aspartokinase
2 non-polymer THREONINE
3 non-polymer 'CITRIC ACID'
4 water water
#
_entity_poly.entity_id   1
_entity_poly.type   'polypeptide(L)'
_entity_poly.pdbx_seq_one_letter_code
;MEEAVLTGVATDKSEAKVTVLGISDKPGEAAKVFRALADAEINIDMVLQNVSSVEDGTTDITFTCPRSDGRRAMEILKKL
QVQGNWTNVLYDDQVGKVSLVGAGMKSHPGVTAEFMEALRDVNVNIELISTSEIRISVLIREDDLDAAARALHEQFQLGG
EDEAVVYAGTGRHHHHHH
;
_entity_poly.pdbx_strand_id   A,B
#
loop_
_chem_comp.id
_chem_comp.type
_chem_comp.name
_chem_comp.formula
CIT non-polymer 'CITRIC ACID' 'C6 H8 O7'
#
# COMPACT_ATOMS: atom_id res chain seq x y z
N ALA A 4 3.07 -17.04 13.92
CA ALA A 4 2.65 -16.91 12.47
C ALA A 4 2.02 -18.16 11.93
N VAL A 5 0.81 -18.00 11.35
CA VAL A 5 0.10 -19.13 10.81
C VAL A 5 -0.44 -18.70 9.43
N LEU A 6 -0.04 -19.37 8.38
CA LEU A 6 -0.43 -18.95 7.02
C LEU A 6 -1.61 -19.78 6.56
N THR A 7 -2.56 -19.12 5.92
CA THR A 7 -3.78 -19.76 5.48
C THR A 7 -3.98 -19.92 4.01
N GLY A 8 -3.25 -19.19 3.17
CA GLY A 8 -3.48 -19.40 1.75
C GLY A 8 -2.68 -18.46 0.90
N VAL A 9 -2.70 -18.73 -0.39
CA VAL A 9 -2.13 -17.90 -1.46
C VAL A 9 -3.28 -17.56 -2.37
N ALA A 10 -3.56 -16.26 -2.52
CA ALA A 10 -4.71 -15.81 -3.36
C ALA A 10 -4.18 -15.15 -4.61
N THR A 11 -4.80 -15.39 -5.76
CA THR A 11 -4.41 -14.79 -7.00
C THR A 11 -5.58 -14.11 -7.64
N ASP A 12 -5.29 -13.06 -8.38
CA ASP A 12 -6.34 -12.30 -9.06
C ASP A 12 -5.78 -11.78 -10.37
N LYS A 13 -6.42 -12.15 -11.50
CA LYS A 13 -6.00 -11.66 -12.80
C LYS A 13 -7.12 -10.87 -13.46
N SER A 14 -8.03 -10.37 -12.63
CA SER A 14 -9.20 -9.63 -13.15
C SER A 14 -9.10 -8.12 -12.99
N GLU A 15 -7.93 -7.63 -12.62
CA GLU A 15 -7.83 -6.17 -12.33
C GLU A 15 -6.93 -5.41 -13.27
N ALA A 16 -7.08 -4.11 -13.31
CA ALA A 16 -6.15 -3.22 -14.06
C ALA A 16 -5.57 -2.35 -12.98
N LYS A 17 -4.43 -1.73 -13.27
CA LYS A 17 -3.96 -0.76 -12.28
C LYS A 17 -3.82 0.54 -12.99
N VAL A 18 -4.10 1.61 -12.29
CA VAL A 18 -4.07 2.95 -12.83
C VAL A 18 -3.25 3.80 -11.90
N THR A 19 -2.36 4.61 -12.47
CA THR A 19 -1.48 5.41 -11.61
C THR A 19 -1.53 6.86 -11.95
N VAL A 20 -1.83 7.74 -11.00
CA VAL A 20 -1.82 9.17 -11.15
C VAL A 20 -0.37 9.58 -10.78
N LEU A 21 0.32 10.25 -11.69
CA LEU A 21 1.69 10.60 -11.45
C LEU A 21 1.89 12.07 -11.25
N GLY A 22 2.60 12.44 -10.24
CA GLY A 22 2.89 13.85 -10.02
C GLY A 22 1.85 14.65 -9.31
N ILE A 23 1.08 14.04 -8.38
CA ILE A 23 0.03 14.79 -7.69
C ILE A 23 0.65 15.61 -6.56
N SER A 24 0.16 16.84 -6.38
CA SER A 24 0.71 17.70 -5.30
C SER A 24 0.41 17.18 -3.96
N ASP A 25 1.44 17.10 -3.10
CA ASP A 25 1.21 16.57 -1.77
C ASP A 25 0.68 17.64 -0.78
N LYS A 26 -0.62 17.94 -0.92
CA LYS A 26 -1.28 18.95 -0.07
C LYS A 26 -2.72 18.44 0.13
N PRO A 27 -3.38 18.88 1.21
CA PRO A 27 -4.75 18.46 1.53
C PRO A 27 -5.71 18.66 0.38
N GLY A 28 -6.58 17.66 0.17
CA GLY A 28 -7.58 17.75 -0.84
C GLY A 28 -7.35 17.20 -2.18
N GLU A 29 -6.09 16.80 -2.48
CA GLU A 29 -5.82 16.33 -3.81
C GLU A 29 -6.28 14.88 -4.03
N ALA A 30 -6.08 14.01 -3.04
CA ALA A 30 -6.55 12.59 -3.17
C ALA A 30 -8.11 12.64 -3.27
N ALA A 31 -8.73 13.58 -2.56
CA ALA A 31 -10.19 13.67 -2.64
C ALA A 31 -10.60 13.91 -4.07
N LYS A 32 -9.83 14.73 -4.82
CA LYS A 32 -10.28 14.98 -6.23
C LYS A 32 -10.25 13.67 -7.06
N VAL A 33 -9.19 12.89 -6.84
CA VAL A 33 -9.10 11.61 -7.54
C VAL A 33 -10.24 10.71 -7.19
N PHE A 34 -10.46 10.52 -5.90
CA PHE A 34 -11.43 9.50 -5.50
C PHE A 34 -12.88 9.90 -5.63
N ARG A 35 -13.15 11.19 -5.52
CA ARG A 35 -14.53 11.64 -5.78
C ARG A 35 -14.78 11.42 -7.26
N ALA A 36 -13.80 11.74 -8.13
CA ALA A 36 -14.09 11.46 -9.56
C ALA A 36 -14.37 9.98 -9.83
N LEU A 37 -13.63 9.06 -9.21
CA LEU A 37 -13.87 7.65 -9.44
C LEU A 37 -15.20 7.22 -8.81
N ALA A 38 -15.53 7.76 -7.62
CA ALA A 38 -16.82 7.34 -7.01
C ALA A 38 -18.00 7.84 -7.91
N ASP A 39 -17.94 9.04 -8.43
CA ASP A 39 -19.06 9.58 -9.24
C ASP A 39 -19.15 8.79 -10.50
N ALA A 40 -18.03 8.20 -10.93
CA ALA A 40 -18.05 7.37 -12.15
C ALA A 40 -18.43 5.94 -11.84
N GLU A 41 -18.68 5.65 -10.55
CA GLU A 41 -19.06 4.29 -10.18
C GLU A 41 -18.05 3.21 -10.56
N ILE A 42 -16.77 3.50 -10.32
CA ILE A 42 -15.68 2.60 -10.57
C ILE A 42 -15.23 2.01 -9.24
N ASN A 43 -15.35 0.69 -9.15
CA ASN A 43 -14.98 -0.02 -7.91
C ASN A 43 -13.48 0.04 -7.73
N ILE A 44 -13.06 0.35 -6.53
CA ILE A 44 -11.64 0.48 -6.22
C ILE A 44 -11.26 -0.70 -5.37
N ASP A 45 -10.26 -1.43 -5.78
CA ASP A 45 -9.89 -2.61 -5.00
C ASP A 45 -8.80 -2.40 -4.01
N MET A 46 -7.73 -1.72 -4.43
CA MET A 46 -6.62 -1.38 -3.53
C MET A 46 -6.14 0.01 -3.88
N VAL A 47 -5.62 0.77 -2.94
CA VAL A 47 -5.06 2.09 -3.21
C VAL A 47 -3.68 2.10 -2.55
N LEU A 48 -2.64 2.65 -3.25
CA LEU A 48 -1.30 2.74 -2.68
C LEU A 48 -0.72 4.11 -3.03
N GLN A 49 -0.31 4.86 -2.01
CA GLN A 49 0.37 6.15 -2.20
C GLN A 49 1.56 6.11 -1.30
N ASN A 50 2.80 6.30 -1.84
CA ASN A 50 3.97 6.35 -0.93
C ASN A 50 4.29 7.83 -0.70
N VAL A 51 5.30 8.07 0.08
CA VAL A 51 5.69 9.43 0.42
C VAL A 51 6.14 10.28 -0.75
N SER A 52 5.85 11.58 -0.64
CA SER A 52 6.26 12.52 -1.68
C SER A 52 7.73 12.79 -1.63
N SER A 53 8.21 13.25 -2.76
CA SER A 53 9.60 13.62 -2.87
C SER A 53 9.77 15.01 -2.22
N VAL A 54 10.79 15.15 -1.41
CA VAL A 54 11.06 16.45 -0.79
C VAL A 54 11.43 17.53 -1.82
N GLU A 55 12.14 17.15 -2.86
CA GLU A 55 12.55 18.14 -3.86
C GLU A 55 11.37 18.66 -4.70
N ASP A 56 10.45 17.76 -5.01
CA ASP A 56 9.37 18.16 -5.89
C ASP A 56 8.02 18.42 -5.22
N GLY A 57 7.81 17.94 -4.00
CA GLY A 57 6.51 18.18 -3.36
C GLY A 57 5.36 17.36 -3.95
N THR A 58 5.71 16.40 -4.79
CA THR A 58 4.67 15.55 -5.43
C THR A 58 4.83 14.09 -5.13
N THR A 59 3.74 13.34 -5.31
CA THR A 59 3.77 11.92 -5.17
C THR A 59 2.95 11.24 -6.20
N ASP A 60 2.77 9.93 -6.15
CA ASP A 60 1.93 9.23 -7.16
C ASP A 60 0.87 8.43 -6.40
N ILE A 61 -0.29 8.18 -7.03
CA ILE A 61 -1.30 7.33 -6.35
C ILE A 61 -1.66 6.21 -7.31
N THR A 62 -1.56 4.96 -6.88
CA THR A 62 -1.94 3.85 -7.75
C THR A 62 -3.16 3.17 -7.14
N PHE A 63 -4.09 2.75 -8.00
CA PHE A 63 -5.23 1.94 -7.47
C PHE A 63 -5.50 0.83 -8.45
N THR A 64 -6.20 -0.18 -7.98
CA THR A 64 -6.61 -1.26 -8.93
C THR A 64 -8.15 -1.20 -8.98
N CYS A 65 -8.66 -1.69 -10.09
CA CYS A 65 -10.10 -1.69 -10.32
C CYS A 65 -10.39 -2.80 -11.32
N PRO A 66 -11.68 -3.11 -11.52
CA PRO A 66 -11.95 -4.18 -12.48
C PRO A 66 -11.29 -3.86 -13.83
N ARG A 67 -10.78 -4.86 -14.52
CA ARG A 67 -10.05 -4.57 -15.73
C ARG A 67 -10.87 -3.84 -16.83
N SER A 68 -12.14 -4.20 -16.91
CA SER A 68 -13.02 -3.56 -17.90
C SER A 68 -13.27 -2.08 -17.64
N ASP A 69 -12.96 -1.59 -16.43
CA ASP A 69 -13.16 -0.15 -16.11
C ASP A 69 -11.80 0.58 -16.04
N GLY A 70 -10.71 -0.12 -16.23
CA GLY A 70 -9.39 0.54 -16.17
C GLY A 70 -9.06 1.66 -17.13
N ARG A 71 -9.38 1.50 -18.40
CA ARG A 71 -9.12 2.53 -19.38
C ARG A 71 -10.00 3.77 -19.08
N ARG A 72 -11.28 3.52 -18.81
CA ARG A 72 -12.18 4.62 -18.46
C ARG A 72 -11.75 5.33 -17.17
N ALA A 73 -11.27 4.61 -16.19
CA ALA A 73 -10.85 5.27 -14.96
C ALA A 73 -9.64 6.17 -15.29
N MET A 74 -8.70 5.66 -16.06
CA MET A 74 -7.60 6.51 -16.42
C MET A 74 -8.04 7.76 -17.20
N GLU A 75 -9.00 7.61 -18.16
CA GLU A 75 -9.36 8.74 -18.92
C GLU A 75 -10.22 9.75 -18.10
N ILE A 76 -11.07 9.27 -17.16
CA ILE A 76 -11.81 10.23 -16.35
C ILE A 76 -10.82 11.00 -15.49
N LEU A 77 -9.70 10.37 -15.04
CA LEU A 77 -8.76 11.11 -14.25
C LEU A 77 -7.92 12.05 -15.10
N LYS A 78 -7.73 11.72 -16.37
CA LYS A 78 -7.01 12.67 -17.23
C LYS A 78 -7.79 14.02 -17.39
N LYS A 79 -9.10 13.99 -17.15
CA LYS A 79 -9.89 15.25 -17.19
C LYS A 79 -9.47 16.19 -16.08
N LEU A 80 -8.77 15.69 -15.05
CA LEU A 80 -8.33 16.51 -13.91
C LEU A 80 -6.83 16.77 -13.92
N GLN A 81 -6.15 16.26 -14.94
CA GLN A 81 -4.66 16.36 -14.92
C GLN A 81 -4.12 17.80 -14.94
N VAL A 82 -4.68 18.64 -15.78
CA VAL A 82 -4.15 19.99 -15.87
C VAL A 82 -4.35 20.85 -14.64
N GLN A 83 -5.56 20.83 -14.09
CA GLN A 83 -5.86 21.54 -12.88
C GLN A 83 -4.90 21.10 -11.75
N GLY A 84 -4.57 19.82 -11.64
CA GLY A 84 -3.65 19.44 -10.55
C GLY A 84 -2.19 19.50 -10.93
N ASN A 85 -1.93 19.93 -12.17
CA ASN A 85 -0.57 19.89 -12.72
C ASN A 85 0.10 18.54 -12.56
N TRP A 86 -0.66 17.46 -12.81
CA TRP A 86 -0.05 16.13 -12.76
C TRP A 86 0.78 15.86 -13.99
N THR A 87 1.84 15.07 -13.82
CA THR A 87 2.63 14.70 -14.91
C THR A 87 1.85 13.82 -15.91
N ASN A 88 0.92 12.98 -15.43
CA ASN A 88 0.27 11.98 -16.29
C ASN A 88 -0.64 11.01 -15.50
N VAL A 89 -1.37 10.13 -16.20
CA VAL A 89 -2.21 9.09 -15.62
C VAL A 89 -1.98 7.92 -16.52
N LEU A 90 -1.52 6.83 -15.95
CA LEU A 90 -1.18 5.61 -16.74
C LEU A 90 -2.16 4.51 -16.43
N TYR A 91 -2.29 3.56 -17.35
CA TYR A 91 -3.21 2.40 -17.23
C TYR A 91 -2.47 1.15 -17.64
N ASP A 92 -2.68 0.05 -16.91
CA ASP A 92 -2.00 -1.22 -17.21
C ASP A 92 -3.05 -2.30 -17.04
N ASP A 93 -3.41 -3.01 -18.13
CA ASP A 93 -4.38 -4.07 -18.01
C ASP A 93 -3.73 -5.44 -18.07
N GLN A 94 -2.44 -5.52 -17.70
CA GLN A 94 -1.77 -6.81 -17.75
C GLN A 94 -1.22 -7.16 -16.35
N VAL A 95 -1.85 -6.63 -15.33
CA VAL A 95 -1.32 -6.86 -14.00
C VAL A 95 -1.98 -8.03 -13.30
N GLY A 96 -1.18 -8.75 -12.49
CA GLY A 96 -1.71 -9.83 -11.69
C GLY A 96 -1.47 -9.43 -10.23
N LYS A 97 -2.34 -9.91 -9.35
CA LYS A 97 -2.19 -9.67 -7.89
C LYS A 97 -2.02 -10.97 -7.20
N VAL A 98 -1.00 -11.10 -6.35
CA VAL A 98 -0.81 -12.35 -5.59
C VAL A 98 -0.60 -12.00 -4.14
N SER A 99 -1.26 -12.77 -3.24
CA SER A 99 -1.22 -12.42 -1.84
C SER A 99 -1.04 -13.61 -1.01
N LEU A 100 -0.34 -13.42 0.10
CA LEU A 100 -0.21 -14.43 1.11
C LEU A 100 -1.07 -14.01 2.31
N VAL A 101 -1.94 -14.88 2.79
CA VAL A 101 -2.87 -14.53 3.90
C VAL A 101 -2.47 -15.33 5.15
N GLY A 102 -2.53 -14.71 6.33
CA GLY A 102 -2.13 -15.45 7.54
C GLY A 102 -2.27 -14.56 8.73
N ALA A 103 -2.10 -15.12 9.91
CA ALA A 103 -2.18 -14.40 11.18
C ALA A 103 -0.78 -14.30 11.78
N GLY A 104 -0.56 -13.21 12.52
CA GLY A 104 0.68 -13.05 13.27
C GLY A 104 1.97 -12.81 12.49
N MET A 105 1.82 -12.21 11.34
CA MET A 105 2.95 -11.83 10.52
C MET A 105 3.76 -10.64 11.10
N LYS A 106 3.12 -9.71 11.80
CA LYS A 106 3.80 -8.51 12.30
C LYS A 106 4.91 -8.91 13.21
N SER A 107 4.72 -9.95 14.00
CA SER A 107 5.81 -10.35 14.90
C SER A 107 6.80 -11.35 14.25
N HIS A 108 6.57 -11.69 12.99
CA HIS A 108 7.45 -12.63 12.26
C HIS A 108 7.88 -12.01 10.91
N PRO A 109 8.79 -11.02 10.94
CA PRO A 109 9.21 -10.40 9.68
C PRO A 109 9.81 -11.39 8.68
N GLY A 110 10.28 -12.54 9.14
CA GLY A 110 10.76 -13.57 8.24
C GLY A 110 9.73 -13.96 7.16
N VAL A 111 8.44 -13.88 7.49
CA VAL A 111 7.36 -14.16 6.51
C VAL A 111 7.45 -13.15 5.32
N THR A 112 7.56 -11.87 5.63
CA THR A 112 7.77 -10.89 4.52
C THR A 112 9.06 -11.14 3.73
N ALA A 113 10.13 -11.38 4.44
CA ALA A 113 11.40 -11.61 3.71
C ALA A 113 11.24 -12.84 2.80
N GLU A 114 10.69 -13.94 3.32
CA GLU A 114 10.53 -15.21 2.53
C GLU A 114 9.61 -15.01 1.35
N PHE A 115 8.61 -14.15 1.53
CA PHE A 115 7.68 -13.87 0.40
C PHE A 115 8.51 -13.25 -0.75
N MET A 116 9.29 -12.25 -0.43
CA MET A 116 10.12 -11.62 -1.45
C MET A 116 11.17 -12.55 -2.04
N GLU A 117 11.78 -13.35 -1.16
CA GLU A 117 12.77 -14.31 -1.70
C GLU A 117 12.16 -15.30 -2.64
N ALA A 118 10.96 -15.73 -2.32
CA ALA A 118 10.28 -16.68 -3.16
C ALA A 118 10.12 -16.16 -4.56
N LEU A 119 9.65 -14.94 -4.68
CA LEU A 119 9.44 -14.39 -5.99
C LEU A 119 10.77 -14.15 -6.70
N ARG A 120 11.76 -13.70 -5.97
CA ARG A 120 13.06 -13.49 -6.57
C ARG A 120 13.56 -14.82 -7.19
N ASP A 121 13.41 -15.89 -6.43
CA ASP A 121 14.00 -17.18 -6.86
C ASP A 121 13.28 -17.73 -8.08
N VAL A 122 12.10 -17.25 -8.41
CA VAL A 122 11.50 -17.64 -9.69
C VAL A 122 11.60 -16.51 -10.73
N ASN A 123 12.49 -15.56 -10.45
CA ASN A 123 12.76 -14.42 -11.35
C ASN A 123 11.56 -13.54 -11.74
N VAL A 124 10.68 -13.33 -10.76
CA VAL A 124 9.47 -12.46 -10.91
C VAL A 124 9.77 -11.12 -10.23
N ASN A 125 9.68 -10.09 -11.04
CA ASN A 125 9.89 -8.70 -10.58
C ASN A 125 8.62 -8.21 -9.87
N ILE A 126 8.80 -7.60 -8.69
CA ILE A 126 7.63 -7.09 -7.94
C ILE A 126 7.39 -5.60 -8.31
N GLU A 127 6.20 -5.31 -8.84
CA GLU A 127 5.91 -3.95 -9.27
C GLU A 127 5.43 -3.06 -8.18
N LEU A 128 4.56 -3.58 -7.34
CA LEU A 128 4.02 -2.75 -6.25
C LEU A 128 3.87 -3.74 -5.06
N ILE A 129 4.01 -3.20 -3.86
CA ILE A 129 3.82 -3.92 -2.60
C ILE A 129 2.82 -3.23 -1.72
N SER A 130 1.84 -3.98 -1.17
CA SER A 130 0.98 -3.39 -0.16
C SER A 130 0.75 -4.45 0.92
N THR A 131 1.31 -4.29 2.12
CA THR A 131 1.05 -5.32 3.12
C THR A 131 0.49 -4.74 4.39
N SER A 132 -0.02 -5.69 5.16
CA SER A 132 -0.50 -5.39 6.53
C SER A 132 -0.42 -6.67 7.35
N GLU A 133 -0.87 -6.59 8.60
CA GLU A 133 -0.77 -7.76 9.44
C GLU A 133 -1.64 -8.94 8.97
N ILE A 134 -2.56 -8.75 8.01
CA ILE A 134 -3.40 -9.90 7.61
C ILE A 134 -3.09 -10.34 6.21
N ARG A 135 -2.24 -9.61 5.47
CA ARG A 135 -2.07 -10.04 4.06
C ARG A 135 -0.86 -9.35 3.46
N ILE A 136 -0.02 -10.13 2.81
CA ILE A 136 1.12 -9.55 2.03
C ILE A 136 0.65 -9.60 0.58
N SER A 137 0.46 -8.47 -0.05
CA SER A 137 -0.01 -8.48 -1.47
C SER A 137 1.02 -7.80 -2.39
N VAL A 138 1.21 -8.33 -3.59
CA VAL A 138 2.02 -7.58 -4.54
C VAL A 138 1.33 -7.55 -5.90
N LEU A 139 1.71 -6.59 -6.73
CA LEU A 139 1.25 -6.59 -8.10
C LEU A 139 2.46 -6.93 -8.94
N ILE A 140 2.19 -7.76 -9.96
CA ILE A 140 3.23 -8.33 -10.88
C ILE A 140 2.64 -8.48 -12.27
N ARG A 141 3.47 -8.78 -13.25
CA ARG A 141 2.88 -9.02 -14.54
C ARG A 141 1.97 -10.24 -14.40
N GLU A 142 0.84 -10.22 -15.13
CA GLU A 142 -0.07 -11.33 -15.04
C GLU A 142 0.58 -12.61 -15.59
N ASP A 143 1.49 -12.49 -16.56
CA ASP A 143 2.18 -13.71 -17.05
C ASP A 143 3.09 -14.34 -15.99
N ASP A 144 3.41 -13.63 -14.93
CA ASP A 144 4.24 -14.14 -13.79
C ASP A 144 3.39 -14.69 -12.64
N LEU A 145 2.08 -14.60 -12.74
CA LEU A 145 1.18 -15.02 -11.62
C LEU A 145 1.32 -16.48 -11.26
N ASP A 146 1.31 -17.36 -12.26
CA ASP A 146 1.41 -18.79 -11.92
C ASP A 146 2.76 -19.10 -11.24
N ALA A 147 3.88 -18.52 -11.74
CA ALA A 147 5.16 -18.77 -11.17
C ALA A 147 5.22 -18.24 -9.74
N ALA A 148 4.70 -17.03 -9.54
CA ALA A 148 4.75 -16.50 -8.20
C ALA A 148 3.92 -17.32 -7.23
N ALA A 149 2.71 -17.64 -7.62
CA ALA A 149 1.82 -18.41 -6.78
C ALA A 149 2.42 -19.78 -6.45
N ARG A 150 2.96 -20.51 -7.42
CA ARG A 150 3.55 -21.78 -7.04
C ARG A 150 4.73 -21.62 -6.11
N ALA A 151 5.55 -20.59 -6.35
CA ALA A 151 6.67 -20.37 -5.47
C ALA A 151 6.27 -20.09 -4.02
N LEU A 152 5.15 -19.37 -3.84
CA LEU A 152 4.71 -19.10 -2.51
C LEU A 152 4.15 -20.34 -1.82
N HIS A 153 3.48 -21.24 -2.56
CA HIS A 153 3.00 -22.51 -2.00
C HIS A 153 4.21 -23.31 -1.52
N GLU A 154 5.29 -23.28 -2.28
CA GLU A 154 6.46 -24.05 -1.85
C GLU A 154 7.10 -23.44 -0.66
N GLN A 155 7.27 -22.10 -0.71
CA GLN A 155 7.93 -21.42 0.32
C GLN A 155 7.26 -21.57 1.68
N PHE A 156 5.91 -21.52 1.71
CA PHE A 156 5.17 -21.59 2.96
C PHE A 156 4.50 -22.93 3.21
N GLN A 157 4.82 -23.90 2.38
CA GLN A 157 4.36 -25.27 2.51
C GLN A 157 2.87 -25.35 2.56
N LEU A 158 2.24 -24.58 1.67
CA LEU A 158 0.78 -24.52 1.63
C LEU A 158 0.28 -25.31 0.51
N GLY A 159 -0.80 -26.03 0.80
CA GLY A 159 -1.48 -26.79 -0.22
C GLY A 159 -2.57 -25.94 -0.88
N GLY A 160 -3.57 -26.59 -1.46
CA GLY A 160 -4.60 -25.83 -2.15
C GLY A 160 -5.98 -25.89 -1.53
N GLU A 161 -6.04 -26.42 -0.31
CA GLU A 161 -7.31 -26.59 0.39
C GLU A 161 -7.49 -25.60 1.55
N ASP A 162 -6.71 -24.54 1.59
CA ASP A 162 -6.81 -23.56 2.67
C ASP A 162 -6.56 -24.18 4.06
N GLU A 163 -5.71 -25.20 4.12
CA GLU A 163 -5.40 -25.78 5.41
C GLU A 163 -4.35 -24.81 5.97
N ALA A 164 -4.52 -24.41 7.22
CA ALA A 164 -3.58 -23.48 7.85
C ALA A 164 -2.29 -24.21 8.17
N VAL A 165 -1.15 -23.54 8.00
CA VAL A 165 0.14 -24.15 8.24
C VAL A 165 0.96 -23.19 9.10
N VAL A 166 1.43 -23.64 10.27
CA VAL A 166 2.20 -22.76 11.12
C VAL A 166 3.54 -22.42 10.44
N TYR A 167 4.02 -21.20 10.67
CA TYR A 167 5.27 -20.76 10.07
C TYR A 167 6.42 -21.08 10.98
N GLU B 2 -24.11 -6.90 0.16
CA GLU B 2 -24.13 -5.84 -0.89
C GLU B 2 -23.58 -4.49 -0.39
N GLU B 3 -23.95 -4.16 0.85
CA GLU B 3 -23.54 -2.88 1.45
C GLU B 3 -22.11 -2.90 2.00
N ALA B 4 -21.54 -1.73 2.22
CA ALA B 4 -20.27 -1.64 2.89
C ALA B 4 -20.66 -1.37 4.33
N VAL B 5 -19.96 -2.01 5.29
CA VAL B 5 -20.24 -1.78 6.70
C VAL B 5 -18.94 -1.28 7.34
N LEU B 6 -19.05 -0.20 8.10
CA LEU B 6 -17.88 0.43 8.79
C LEU B 6 -18.02 0.07 10.27
N THR B 7 -16.96 -0.47 10.82
CA THR B 7 -17.02 -0.91 12.22
C THR B 7 -16.16 -0.09 13.14
N GLY B 8 -15.27 0.75 12.62
CA GLY B 8 -14.54 1.57 13.57
C GLY B 8 -13.49 2.43 12.93
N VAL B 9 -12.97 3.35 13.72
CA VAL B 9 -11.86 4.26 13.30
C VAL B 9 -10.76 3.94 14.32
N ALA B 10 -9.56 3.56 13.85
CA ALA B 10 -8.46 3.16 14.74
C ALA B 10 -7.27 4.14 14.59
N THR B 11 -6.62 4.50 15.67
CA THR B 11 -5.49 5.41 15.56
C THR B 11 -4.34 4.76 16.21
N ASP B 12 -3.16 4.99 15.66
CA ASP B 12 -1.96 4.37 16.22
C ASP B 12 -0.87 5.42 16.21
N LYS B 13 -0.31 5.75 17.38
CA LYS B 13 0.78 6.73 17.43
C LYS B 13 2.04 6.05 17.94
N SER B 14 2.11 4.74 17.75
CA SER B 14 3.26 3.96 18.27
C SER B 14 4.26 3.53 17.21
N GLU B 15 4.02 3.94 15.97
CA GLU B 15 4.93 3.56 14.86
C GLU B 15 5.84 4.63 14.33
N ALA B 16 6.88 4.18 13.68
CA ALA B 16 7.76 5.03 12.91
C ALA B 16 7.68 4.56 11.48
N LYS B 17 8.05 5.44 10.56
CA LYS B 17 8.12 4.89 9.18
C LYS B 17 9.49 5.13 8.67
N VAL B 18 9.94 4.20 7.85
CA VAL B 18 11.26 4.28 7.27
C VAL B 18 11.06 4.23 5.76
N THR B 19 11.77 5.08 5.00
CA THR B 19 11.70 4.98 3.51
C THR B 19 13.08 4.75 2.90
N VAL B 20 13.18 3.71 2.08
CA VAL B 20 14.43 3.45 1.32
C VAL B 20 14.12 4.04 -0.08
N LEU B 21 14.92 5.01 -0.52
CA LEU B 21 14.67 5.68 -1.78
C LEU B 21 15.60 5.25 -2.87
N GLY B 22 15.08 5.07 -4.07
CA GLY B 22 15.98 4.80 -5.20
C GLY B 22 16.44 3.38 -5.41
N ILE B 23 15.52 2.42 -5.29
CA ILE B 23 15.85 1.00 -5.55
C ILE B 23 15.61 0.59 -6.99
N SER B 24 16.58 -0.13 -7.62
CA SER B 24 16.37 -0.62 -8.95
C SER B 24 15.17 -1.53 -8.92
N ASP B 25 14.40 -1.40 -9.97
CA ASP B 25 13.20 -2.19 -10.13
C ASP B 25 13.61 -3.45 -10.90
N LYS B 26 14.18 -4.39 -10.17
CA LYS B 26 14.64 -5.66 -10.75
C LYS B 26 14.46 -6.69 -9.64
N PRO B 27 14.29 -7.99 -10.00
CA PRO B 27 14.09 -9.03 -9.00
C PRO B 27 15.12 -9.11 -7.96
N GLY B 28 14.70 -9.41 -6.74
CA GLY B 28 15.63 -9.58 -5.65
C GLY B 28 15.98 -8.34 -4.81
N GLU B 29 15.55 -7.16 -5.26
CA GLU B 29 15.91 -5.96 -4.51
C GLU B 29 15.07 -5.80 -3.24
N ALA B 30 13.77 -6.15 -3.34
CA ALA B 30 12.95 -6.08 -2.10
C ALA B 30 13.40 -7.15 -1.14
N ALA B 31 13.79 -8.33 -1.65
CA ALA B 31 14.31 -9.38 -0.78
C ALA B 31 15.56 -8.90 0.03
N LYS B 32 16.42 -8.11 -0.62
CA LYS B 32 17.57 -7.63 0.12
C LYS B 32 17.15 -6.79 1.33
N VAL B 33 16.19 -5.90 1.12
CA VAL B 33 15.72 -5.06 2.24
C VAL B 33 15.05 -5.88 3.35
N PHE B 34 14.14 -6.77 2.96
CA PHE B 34 13.37 -7.48 3.96
C PHE B 34 14.07 -8.61 4.67
N ARG B 35 15.06 -9.23 3.98
CA ARG B 35 15.91 -10.24 4.68
C ARG B 35 16.73 -9.50 5.73
N ALA B 36 17.25 -8.27 5.43
CA ALA B 36 18.04 -7.56 6.42
C ALA B 36 17.23 -7.20 7.61
N LEU B 37 16.02 -6.70 7.37
CA LEU B 37 15.17 -6.37 8.48
C LEU B 37 14.69 -7.58 9.23
N ALA B 38 14.32 -8.68 8.55
CA ALA B 38 13.79 -9.86 9.23
C ALA B 38 14.95 -10.44 10.11
N ASP B 39 16.15 -10.43 9.58
CA ASP B 39 17.25 -10.98 10.41
C ASP B 39 17.47 -10.14 11.63
N ALA B 40 17.14 -8.86 11.62
CA ALA B 40 17.28 -7.98 12.78
C ALA B 40 16.05 -7.92 13.68
N GLU B 41 15.04 -8.75 13.36
CA GLU B 41 13.80 -8.84 14.11
C GLU B 41 13.04 -7.53 14.19
N ILE B 42 13.01 -6.80 13.07
CA ILE B 42 12.29 -5.53 13.04
C ILE B 42 10.80 -5.97 12.79
N ASN B 43 9.87 -5.57 13.66
CA ASN B 43 8.52 -6.02 13.53
C ASN B 43 7.79 -5.12 12.54
N ILE B 44 7.70 -5.52 11.29
CA ILE B 44 7.06 -4.74 10.20
C ILE B 44 5.51 -4.79 10.23
N ASP B 45 4.91 -3.61 10.28
CA ASP B 45 3.45 -3.39 10.38
C ASP B 45 2.87 -3.31 8.99
N MET B 46 3.43 -2.47 8.15
CA MET B 46 2.91 -2.30 6.76
C MET B 46 4.08 -2.02 5.85
N VAL B 47 4.01 -2.51 4.62
CA VAL B 47 5.00 -2.16 3.61
C VAL B 47 4.24 -1.52 2.43
N LEU B 48 4.80 -0.45 1.87
CA LEU B 48 4.17 0.23 0.70
C LEU B 48 5.27 0.48 -0.33
N GLN B 49 5.08 -0.08 -1.54
CA GLN B 49 6.01 0.25 -2.64
C GLN B 49 5.15 0.57 -3.84
N ASN B 50 5.25 1.75 -4.39
CA ASN B 50 4.45 2.06 -5.63
C ASN B 50 5.33 1.67 -6.85
N VAL B 51 4.73 1.84 -8.02
CA VAL B 51 5.38 1.52 -9.21
C VAL B 51 6.58 2.38 -9.44
N SER B 52 7.54 1.79 -10.14
CA SER B 52 8.77 2.51 -10.38
C SER B 52 8.58 3.70 -11.31
N SER B 53 9.46 4.66 -11.11
CA SER B 53 9.35 5.96 -11.77
C SER B 53 9.51 5.95 -13.27
N VAL B 54 8.72 6.78 -13.97
CA VAL B 54 8.89 6.79 -15.40
C VAL B 54 10.11 7.61 -15.72
N GLU B 55 10.58 8.45 -14.82
CA GLU B 55 11.76 9.16 -15.24
C GLU B 55 13.11 8.55 -14.91
N ASP B 56 13.11 7.72 -13.87
CA ASP B 56 14.30 7.08 -13.32
C ASP B 56 14.30 5.55 -13.37
N GLY B 57 13.11 4.95 -13.41
CA GLY B 57 13.05 3.50 -13.37
C GLY B 57 13.33 2.89 -11.96
N THR B 58 13.53 3.71 -10.94
CA THR B 58 13.79 3.15 -9.60
C THR B 58 12.51 3.36 -8.80
N THR B 59 12.40 2.73 -7.65
CA THR B 59 11.26 3.01 -6.85
C THR B 59 11.66 3.15 -5.38
N ASP B 60 10.70 3.45 -4.52
CA ASP B 60 10.96 3.61 -3.11
C ASP B 60 10.16 2.61 -2.35
N ILE B 61 10.69 2.21 -1.19
CA ILE B 61 9.95 1.24 -0.33
C ILE B 61 9.81 1.83 1.04
N THR B 62 8.56 1.97 1.51
CA THR B 62 8.34 2.50 2.88
C THR B 62 7.73 1.43 3.74
N PHE B 63 8.13 1.39 5.02
CA PHE B 63 7.45 0.42 5.91
C PHE B 63 7.35 1.07 7.29
N THR B 64 6.37 0.59 8.05
CA THR B 64 6.21 1.10 9.40
C THR B 64 6.64 -0.03 10.32
N CYS B 65 7.00 0.36 11.54
CA CYS B 65 7.48 -0.60 12.58
C CYS B 65 7.32 0.09 13.90
N PRO B 66 7.45 -0.66 15.00
CA PRO B 66 7.31 0.07 16.26
C PRO B 66 8.41 1.12 16.39
N ARG B 67 8.13 2.24 17.04
CA ARG B 67 9.16 3.25 17.17
C ARG B 67 10.44 2.66 17.84
N SER B 68 10.25 1.80 18.84
CA SER B 68 11.48 1.20 19.45
C SER B 68 12.34 0.38 18.54
N ASP B 69 11.82 -0.02 17.33
CA ASP B 69 12.58 -0.76 16.36
C ASP B 69 13.20 0.17 15.31
N GLY B 70 12.81 1.46 15.36
CA GLY B 70 13.16 2.38 14.28
C GLY B 70 14.64 2.66 14.12
N ARG B 71 15.34 2.94 15.21
CA ARG B 71 16.78 3.20 15.11
C ARG B 71 17.61 2.03 14.66
N ARG B 72 17.23 0.82 15.09
CA ARG B 72 17.90 -0.33 14.62
C ARG B 72 17.66 -0.57 13.14
N ALA B 73 16.42 -0.38 12.70
CA ALA B 73 16.15 -0.58 11.27
C ALA B 73 16.98 0.43 10.44
N MET B 74 17.16 1.63 10.96
CA MET B 74 17.98 2.62 10.23
C MET B 74 19.40 2.19 10.20
N GLU B 75 19.89 1.65 11.31
CA GLU B 75 21.28 1.21 11.29
C GLU B 75 21.53 0.17 10.22
N ILE B 76 20.67 -0.83 10.16
CA ILE B 76 20.81 -1.91 9.21
C ILE B 76 20.71 -1.35 7.78
N LEU B 77 19.74 -0.44 7.54
CA LEU B 77 19.55 -0.01 6.19
C LEU B 77 20.60 0.98 5.69
N LYS B 78 21.09 1.82 6.56
CA LYS B 78 22.15 2.77 6.17
C LYS B 78 23.36 1.93 5.76
N LYS B 79 23.60 0.79 6.41
CA LYS B 79 24.78 -0.01 6.00
C LYS B 79 24.52 -0.51 4.57
N LEU B 80 23.33 -1.02 4.34
CA LEU B 80 23.05 -1.51 3.02
C LEU B 80 23.14 -0.42 1.98
N GLN B 81 22.65 0.78 2.35
CA GLN B 81 22.59 1.98 1.47
C GLN B 81 23.95 2.24 0.86
N VAL B 82 24.96 2.32 1.70
CA VAL B 82 26.26 2.62 1.17
C VAL B 82 26.89 1.50 0.38
N GLN B 83 26.42 0.27 0.52
CA GLN B 83 27.10 -0.79 -0.23
C GLN B 83 26.51 -0.90 -1.63
N GLY B 84 25.26 -0.53 -1.78
CA GLY B 84 24.64 -0.63 -3.08
C GLY B 84 24.33 0.68 -3.79
N ASN B 85 23.30 0.73 -4.65
CA ASN B 85 23.04 1.95 -5.40
C ASN B 85 21.85 2.74 -4.92
N TRP B 86 21.38 2.53 -3.68
CA TRP B 86 20.21 3.28 -3.25
C TRP B 86 20.50 4.74 -3.03
N THR B 87 19.48 5.55 -3.27
CA THR B 87 19.61 6.98 -3.07
C THR B 87 19.79 7.42 -1.63
N ASN B 88 18.94 6.88 -0.74
CA ASN B 88 19.03 7.32 0.64
C ASN B 88 18.00 6.53 1.43
N VAL B 89 18.08 6.63 2.74
CA VAL B 89 17.13 5.97 3.64
C VAL B 89 16.73 7.10 4.59
N LEU B 90 15.42 7.34 4.75
CA LEU B 90 14.83 8.38 5.58
C LEU B 90 14.06 7.79 6.77
N TYR B 91 14.06 8.50 7.88
CA TYR B 91 13.40 8.06 9.09
C TYR B 91 12.43 9.12 9.57
N ASP B 92 11.31 8.67 10.13
CA ASP B 92 10.31 9.50 10.67
C ASP B 92 9.59 8.87 11.85
N ASP B 93 9.94 9.30 13.08
CA ASP B 93 9.27 8.75 14.23
C ASP B 93 8.19 9.69 14.84
N GLN B 94 7.56 10.49 13.96
CA GLN B 94 6.50 11.42 14.39
C GLN B 94 5.25 11.20 13.55
N VAL B 95 5.15 10.02 12.97
CA VAL B 95 4.00 9.66 12.09
C VAL B 95 2.86 9.02 12.92
N GLY B 96 1.63 9.30 12.48
CA GLY B 96 0.44 8.72 13.08
C GLY B 96 -0.27 7.93 11.99
N LYS B 97 -0.95 6.87 12.39
CA LYS B 97 -1.71 6.06 11.43
C LYS B 97 -3.15 6.15 11.83
N VAL B 98 -4.01 6.43 10.89
CA VAL B 98 -5.46 6.42 11.16
C VAL B 98 -6.14 5.53 10.11
N SER B 99 -7.04 4.66 10.59
CA SER B 99 -7.68 3.69 9.68
C SER B 99 -9.17 3.62 9.85
N LEU B 100 -9.89 3.56 8.74
CA LEU B 100 -11.31 3.27 8.78
C LEU B 100 -11.42 1.77 8.57
N VAL B 101 -12.08 1.09 9.54
CA VAL B 101 -12.14 -0.37 9.50
C VAL B 101 -13.52 -0.80 9.11
N GLY B 102 -13.62 -1.82 8.30
CA GLY B 102 -14.97 -2.24 7.86
C GLY B 102 -14.94 -3.43 6.91
N ALA B 103 -16.00 -3.59 6.15
CA ALA B 103 -16.12 -4.71 5.26
C ALA B 103 -16.93 -4.28 4.06
N GLY B 104 -16.63 -4.95 2.95
CA GLY B 104 -17.36 -4.76 1.70
C GLY B 104 -17.18 -3.42 1.05
N MET B 105 -16.05 -2.77 1.26
CA MET B 105 -15.84 -1.41 0.68
C MET B 105 -15.53 -1.38 -0.80
N LYS B 106 -15.11 -2.53 -1.36
CA LYS B 106 -14.73 -2.63 -2.76
C LYS B 106 -15.78 -2.12 -3.71
N SER B 107 -17.06 -2.45 -3.47
CA SER B 107 -18.10 -2.05 -4.40
C SER B 107 -18.72 -0.69 -4.04
N HIS B 108 -18.08 0.03 -3.12
CA HIS B 108 -18.58 1.34 -2.71
C HIS B 108 -17.44 2.35 -2.75
N PRO B 109 -17.04 2.81 -3.89
CA PRO B 109 -15.93 3.78 -3.97
C PRO B 109 -16.21 5.06 -3.24
N GLY B 110 -17.50 5.37 -3.02
CA GLY B 110 -17.74 6.56 -2.23
C GLY B 110 -17.16 6.52 -0.82
N VAL B 111 -16.93 5.35 -0.28
CA VAL B 111 -16.31 5.24 1.07
C VAL B 111 -14.93 5.82 0.93
N THR B 112 -14.15 5.41 -0.07
CA THR B 112 -12.80 5.97 -0.22
C THR B 112 -12.84 7.50 -0.46
N ALA B 113 -13.74 7.97 -1.38
CA ALA B 113 -13.82 9.39 -1.60
C ALA B 113 -14.15 10.15 -0.38
N GLU B 114 -15.14 9.66 0.40
CA GLU B 114 -15.51 10.43 1.61
C GLU B 114 -14.46 10.39 2.69
N PHE B 115 -13.67 9.32 2.74
CA PHE B 115 -12.53 9.27 3.72
C PHE B 115 -11.52 10.40 3.39
N MET B 116 -11.23 10.59 2.09
CA MET B 116 -10.26 11.65 1.70
C MET B 116 -10.88 13.03 1.93
N GLU B 117 -12.18 13.17 1.60
CA GLU B 117 -12.88 14.46 1.81
C GLU B 117 -12.92 14.82 3.25
N ALA B 118 -13.16 13.87 4.15
CA ALA B 118 -13.23 14.13 5.57
C ALA B 118 -11.90 14.73 6.05
N LEU B 119 -10.80 14.15 5.66
CA LEU B 119 -9.52 14.67 6.13
C LEU B 119 -9.17 16.00 5.43
N ARG B 120 -9.55 16.17 4.18
CA ARG B 120 -9.32 17.44 3.49
C ARG B 120 -10.03 18.58 4.27
N ASP B 121 -11.19 18.24 4.78
CA ASP B 121 -12.02 19.30 5.44
C ASP B 121 -11.50 19.75 6.75
N VAL B 122 -10.56 19.02 7.31
CA VAL B 122 -9.91 19.48 8.50
C VAL B 122 -8.44 19.71 8.21
N ASN B 123 -8.08 19.99 6.95
CA ASN B 123 -6.69 20.23 6.51
C ASN B 123 -5.65 19.20 7.01
N VAL B 124 -6.01 17.92 7.00
CA VAL B 124 -5.05 16.89 7.38
C VAL B 124 -4.47 16.37 6.05
N ASN B 125 -3.15 16.49 5.93
CA ASN B 125 -2.49 16.08 4.71
C ASN B 125 -2.24 14.57 4.78
N ILE B 126 -2.63 13.83 3.77
CA ILE B 126 -2.49 12.39 3.72
C ILE B 126 -1.12 12.10 3.08
N GLU B 127 -0.25 11.54 3.90
CA GLU B 127 1.13 11.36 3.48
C GLU B 127 1.34 10.04 2.70
N LEU B 128 0.60 9.03 3.11
CA LEU B 128 0.72 7.70 2.53
C LEU B 128 -0.65 7.07 2.66
N ILE B 129 -1.00 6.25 1.66
CA ILE B 129 -2.27 5.49 1.71
C ILE B 129 -2.03 4.01 1.47
N SER B 130 -2.74 3.19 2.22
CA SER B 130 -2.70 1.74 1.92
C SER B 130 -4.04 1.19 2.29
N THR B 131 -4.46 0.15 1.61
CA THR B 131 -5.77 -0.38 1.94
C THR B 131 -5.64 -1.93 1.95
N SER B 132 -6.63 -2.53 2.60
CA SER B 132 -6.74 -4.02 2.59
C SER B 132 -8.24 -4.29 2.60
N GLU B 133 -8.57 -5.57 2.61
CA GLU B 133 -9.94 -6.05 2.62
C GLU B 133 -10.76 -5.48 3.78
N ILE B 134 -10.09 -5.07 4.83
CA ILE B 134 -10.82 -4.56 5.95
C ILE B 134 -10.53 -3.12 6.32
N ARG B 135 -9.64 -2.42 5.60
CA ARG B 135 -9.36 -1.10 6.06
C ARG B 135 -8.83 -0.14 5.03
N ILE B 136 -9.12 1.14 5.28
CA ILE B 136 -8.44 2.21 4.54
C ILE B 136 -7.50 2.80 5.56
N SER B 137 -6.18 2.78 5.33
CA SER B 137 -5.24 3.35 6.30
C SER B 137 -4.42 4.46 5.70
N VAL B 138 -4.26 5.51 6.47
CA VAL B 138 -3.36 6.62 5.98
C VAL B 138 -2.36 6.99 7.03
N LEU B 139 -1.23 7.53 6.59
CA LEU B 139 -0.19 7.97 7.52
C LEU B 139 -0.20 9.48 7.43
N ILE B 140 -0.18 10.15 8.57
CA ILE B 140 -0.28 11.62 8.70
C ILE B 140 0.58 12.04 9.86
N ARG B 141 0.66 13.36 10.10
CA ARG B 141 1.44 13.80 11.28
C ARG B 141 0.75 13.27 12.52
N GLU B 142 1.50 12.81 13.52
CA GLU B 142 0.82 12.32 14.70
C GLU B 142 0.01 13.42 15.40
N ASP B 143 0.41 14.68 15.29
CA ASP B 143 -0.38 15.75 15.94
C ASP B 143 -1.77 15.92 15.34
N ASP B 144 -2.00 15.39 14.14
CA ASP B 144 -3.32 15.51 13.50
C ASP B 144 -4.18 14.29 13.74
N LEU B 145 -3.73 13.33 14.54
CA LEU B 145 -4.56 12.11 14.74
C LEU B 145 -5.96 12.37 15.29
N ASP B 146 -6.10 13.35 16.21
CA ASP B 146 -7.40 13.69 16.78
C ASP B 146 -8.34 14.37 15.81
N ALA B 147 -7.86 15.31 15.06
CA ALA B 147 -8.73 15.93 14.14
C ALA B 147 -9.16 14.88 13.14
N ALA B 148 -8.24 14.00 12.78
CA ALA B 148 -8.55 13.04 11.73
C ALA B 148 -9.59 12.00 12.11
N ALA B 149 -9.40 11.42 13.27
CA ALA B 149 -10.30 10.37 13.76
C ALA B 149 -11.65 11.03 13.98
N ARG B 150 -11.67 12.23 14.54
CA ARG B 150 -12.98 12.90 14.75
C ARG B 150 -13.68 13.18 13.42
N ALA B 151 -12.93 13.58 12.39
CA ALA B 151 -13.56 13.91 11.13
C ALA B 151 -14.15 12.61 10.53
N LEU B 152 -13.47 11.49 10.72
CA LEU B 152 -13.97 10.23 10.14
C LEU B 152 -15.23 9.74 10.86
N HIS B 153 -15.20 9.84 12.18
CA HIS B 153 -16.40 9.44 12.93
C HIS B 153 -17.58 10.32 12.45
N GLU B 154 -17.35 11.61 12.26
CA GLU B 154 -18.43 12.47 11.79
C GLU B 154 -18.86 12.15 10.37
N GLN B 155 -17.86 11.92 9.50
CA GLN B 155 -18.16 11.68 8.10
C GLN B 155 -19.07 10.46 7.90
N PHE B 156 -18.83 9.45 8.69
CA PHE B 156 -19.58 8.19 8.49
C PHE B 156 -20.61 7.93 9.55
N GLN B 157 -20.80 8.93 10.39
CA GLN B 157 -21.76 8.85 11.48
C GLN B 157 -21.58 7.59 12.32
N LEU B 158 -20.32 7.38 12.68
CA LEU B 158 -19.90 6.29 13.52
C LEU B 158 -19.81 6.78 14.93
N GLU B 163 -22.10 2.47 16.73
CA GLU B 163 -20.96 1.57 16.72
C GLU B 163 -20.71 1.02 15.33
N ALA B 164 -21.49 0.06 14.78
CA ALA B 164 -21.17 -0.24 13.37
C ALA B 164 -22.23 0.45 12.57
N VAL B 165 -21.85 0.86 11.35
CA VAL B 165 -22.77 1.55 10.48
C VAL B 165 -22.66 1.12 9.06
N VAL B 166 -23.79 1.13 8.40
CA VAL B 166 -23.87 0.86 7.01
C VAL B 166 -23.43 2.17 6.27
N TYR B 167 -22.65 2.06 5.20
CA TYR B 167 -22.28 3.21 4.40
C TYR B 167 -23.53 3.62 3.60
N ALA B 168 -23.96 4.88 3.79
CA ALA B 168 -25.18 5.38 3.12
C ALA B 168 -24.94 6.73 2.46
N THR C . -1.44 14.63 0.37
CA THR C . -2.63 14.68 -0.65
C THR C . -3.99 14.79 0.09
O THR C . -5.04 14.84 -0.57
CB THR C . -2.65 13.40 -1.54
OG1 THR C . -2.78 12.23 -0.65
CG2 THR C . -1.25 13.29 -2.37
OXT THR C . -3.97 14.80 1.35
N THR D . 11.05 -4.84 -8.30
CA THR D . 11.99 -5.18 -7.13
C THR D . 11.92 -6.65 -6.69
O THR D . 11.23 -7.42 -7.39
CB THR D . 11.68 -4.31 -5.88
OG1 THR D . 10.30 -4.55 -5.48
CG2 THR D . 11.80 -2.84 -6.17
OXT THR D . 12.56 -7.02 -5.68
C1 CIT E . 23.41 6.21 -7.32
O1 CIT E . 23.61 7.14 -8.11
O2 CIT E . 24.28 5.74 -6.56
C2 CIT E . 22.06 5.61 -7.13
C3 CIT E . 21.01 6.52 -7.88
O7 CIT E . 21.50 6.55 -9.13
C4 CIT E . 19.66 5.71 -7.91
C5 CIT E . 19.67 4.32 -8.57
O3 CIT E . 20.05 4.09 -9.80
O4 CIT E . 19.24 3.36 -7.78
C6 CIT E . 20.75 7.81 -7.34
O5 CIT E . 20.35 8.70 -8.03
O6 CIT E . 20.99 8.22 -6.21
#